data_4WT4
#
_entry.id   4WT4
#
_cell.length_a   157.538
_cell.length_b   34.361
_cell.length_c   106.885
_cell.angle_alpha   90.000
_cell.angle_beta   93.670
_cell.angle_gamma   90.000
#
_symmetry.space_group_name_H-M   'C 1 2 1'
#
loop_
_entity.id
_entity.type
_entity.pdbx_description
1 polymer 'Rubisco Accumulation Factor 1, isoform 2'
2 non-polymer 'PHOSPHATE ION'
#
_entity_poly.entity_id   1
_entity_poly.type   'polypeptide(L)'
_entity_poly.pdbx_seq_one_letter_code
;EEVKAIRIPVVRLKFGEVAEATSVVVLPVCKAEEGEKKILEAPMEIIAGGDFKVVEAEKGWKRWVVLPSWNPVAAIGKGG
VAVSFRDDRKVLPWDGKEEPLLVVADRVRNVVEADDGYYLVVAENGLKLEKGSDLKAREVKESLGMVVLVVRPPREDDDD
WQTSHQNWD
;
_entity_poly.pdbx_strand_id   A,B,C,D
#
loop_
_chem_comp.id
_chem_comp.type
_chem_comp.name
_chem_comp.formula
PO4 non-polymer 'PHOSPHATE ION' 'O4 P -3'
#
# COMPACT_ATOMS: atom_id res chain seq x y z
N ILE A 6 -7.26 29.45 20.78
CA ILE A 6 -6.52 30.18 19.70
C ILE A 6 -5.16 29.56 19.39
N ARG A 7 -4.60 28.85 20.36
CA ARG A 7 -3.27 28.25 20.23
C ARG A 7 -3.26 26.75 20.48
N ILE A 8 -2.61 26.01 19.58
CA ILE A 8 -2.39 24.56 19.72
C ILE A 8 -1.03 24.30 20.35
N PRO A 9 -0.83 23.12 20.99
CA PRO A 9 0.42 22.81 21.67
C PRO A 9 1.65 22.96 20.78
N VAL A 10 2.52 23.89 21.14
CA VAL A 10 3.73 24.19 20.39
C VAL A 10 4.94 23.88 21.27
N VAL A 11 5.85 23.06 20.75
CA VAL A 11 7.04 22.66 21.50
C VAL A 11 8.31 22.81 20.68
N ARG A 12 9.33 23.38 21.32
CA ARG A 12 10.66 23.51 20.73
C ARG A 12 11.47 22.24 20.99
N LEU A 13 12.10 21.72 19.94
CA LEU A 13 12.82 20.45 20.00
C LEU A 13 14.17 20.57 20.71
N LYS A 14 14.41 19.64 21.63
CA LYS A 14 15.65 19.58 22.37
C LYS A 14 16.00 18.13 22.71
N PHE A 15 17.27 17.89 22.99
CA PHE A 15 17.74 16.57 23.44
C PHE A 15 18.88 16.68 24.44
N ALA A 19 15.52 15.27 28.45
CA ALA A 19 14.48 14.24 28.46
C ALA A 19 13.09 14.86 28.55
N GLU A 20 12.08 14.07 28.18
CA GLU A 20 10.68 14.53 28.20
C GLU A 20 9.78 13.60 29.01
N ALA A 21 9.78 12.31 28.67
CA ALA A 21 8.97 11.31 29.37
C ALA A 21 9.77 10.10 29.82
N THR A 22 9.67 9.01 29.05
CA THR A 22 10.31 7.74 29.41
C THR A 22 10.90 7.03 28.18
N SER A 23 10.33 7.30 27.01
CA SER A 23 10.74 6.62 25.78
C SER A 23 10.93 7.57 24.59
N VAL A 24 10.81 7.02 23.38
CA VAL A 24 11.01 7.76 22.14
C VAL A 24 9.96 7.34 21.10
N VAL A 25 9.59 8.28 20.22
CA VAL A 25 8.60 8.02 19.18
C VAL A 25 9.18 8.30 17.79
N VAL A 26 9.01 7.34 16.89
CA VAL A 26 9.41 7.48 15.48
C VAL A 26 8.19 7.76 14.61
N LEU A 27 8.28 8.77 13.76
CA LEU A 27 7.20 9.12 12.86
C LEU A 27 7.64 9.15 11.40
N PRO A 28 6.83 8.58 10.49
CA PRO A 28 7.08 8.73 9.06
C PRO A 28 6.95 10.20 8.67
N VAL A 29 7.76 10.64 7.72
CA VAL A 29 7.80 12.07 7.37
C VAL A 29 7.31 12.35 5.95
N CYS A 30 6.61 13.47 5.81
CA CYS A 30 6.20 14.01 4.52
C CYS A 30 6.65 15.47 4.41
N LYS A 31 7.22 15.81 3.26
CA LYS A 31 7.50 17.20 2.93
C LYS A 31 6.19 17.82 2.43
N ALA A 32 5.91 19.04 2.86
CA ALA A 32 4.68 19.73 2.51
C ALA A 32 4.53 19.97 1.01
N GLU A 33 5.63 20.39 0.38
CA GLU A 33 5.64 20.67 -1.06
C GLU A 33 5.40 19.42 -1.90
N GLU A 34 5.82 18.27 -1.38
CA GLU A 34 5.64 17.00 -2.10
C GLU A 34 4.18 16.53 -2.13
N GLY A 35 3.29 17.28 -1.48
CA GLY A 35 1.85 17.12 -1.64
C GLY A 35 1.13 16.22 -0.65
N GLU A 36 -0.20 16.28 -0.72
CA GLU A 36 -1.12 15.50 0.11
C GLU A 36 -1.06 14.02 -0.25
N LYS A 37 -0.59 13.76 -1.47
CA LYS A 37 -0.49 12.43 -2.03
C LYS A 37 0.38 11.53 -1.16
N LYS A 38 1.47 12.09 -0.65
CA LYS A 38 2.43 11.39 0.18
C LYS A 38 1.90 11.18 1.60
N ILE A 39 1.21 12.19 2.12
CA ILE A 39 0.65 12.17 3.48
C ILE A 39 -0.32 11.01 3.68
N LEU A 40 -1.11 10.71 2.64
CA LEU A 40 -2.11 9.66 2.71
C LEU A 40 -1.50 8.28 2.47
N GLU A 41 -0.44 8.21 1.65
CA GLU A 41 0.21 6.94 1.34
C GLU A 41 1.14 6.47 2.48
N ALA A 42 1.52 7.39 3.36
CA ALA A 42 2.38 7.10 4.51
C ALA A 42 1.81 6.00 5.42
N PRO A 43 2.68 5.11 5.94
CA PRO A 43 2.24 3.94 6.71
C PRO A 43 1.45 4.30 7.96
N MET A 44 0.37 3.55 8.21
CA MET A 44 -0.55 3.83 9.32
C MET A 44 -0.17 3.09 10.60
N GLU A 45 0.17 1.81 10.46
CA GLU A 45 0.48 0.97 11.61
C GLU A 45 1.99 0.91 11.82
N ILE A 46 2.46 1.82 12.68
CA ILE A 46 3.88 1.99 12.95
C ILE A 46 4.15 1.49 14.37
N ILE A 47 4.40 0.18 14.48
CA ILE A 47 4.51 -0.48 15.79
C ILE A 47 5.97 -0.76 16.15
N ALA A 48 6.34 -0.37 17.37
CA ALA A 48 7.66 -0.69 17.90
C ALA A 48 7.56 -1.87 18.86
N GLY A 49 8.38 -2.89 18.63
CA GLY A 49 8.34 -4.10 19.43
C GLY A 49 9.69 -4.75 19.70
N GLY A 50 9.67 -5.83 20.48
CA GLY A 50 10.88 -6.55 20.84
C GLY A 50 11.65 -5.89 21.96
N ASP A 51 12.85 -6.42 22.23
CA ASP A 51 13.71 -5.90 23.30
C ASP A 51 14.34 -4.55 22.94
N PHE A 52 14.45 -4.27 21.65
CA PHE A 52 15.24 -3.12 21.16
C PHE A 52 14.41 -1.92 20.69
N LYS A 53 13.08 -2.01 20.84
CA LYS A 53 12.15 -0.99 20.33
C LYS A 53 12.25 -0.86 18.81
N VAL A 54 12.45 -2.00 18.15
CA VAL A 54 12.55 -2.06 16.70
C VAL A 54 11.21 -1.76 16.06
N VAL A 55 11.19 -0.72 15.23
CA VAL A 55 9.98 -0.24 14.58
C VAL A 55 9.71 -1.06 13.33
N GLU A 56 8.48 -1.55 13.20
CA GLU A 56 8.04 -2.20 11.96
C GLU A 56 6.76 -1.56 11.45
N ALA A 57 6.73 -1.27 10.14
CA ALA A 57 5.61 -0.58 9.51
C ALA A 57 4.84 -1.50 8.57
N GLU A 58 3.68 -1.03 8.11
CA GLU A 58 2.88 -1.76 7.12
C GLU A 58 3.44 -1.57 5.71
N LYS A 59 3.73 -0.32 5.35
CA LYS A 59 4.34 0.03 4.07
C LYS A 59 5.78 0.45 4.28
N GLY A 60 6.61 0.25 3.26
CA GLY A 60 7.99 0.75 3.28
C GLY A 60 8.00 2.25 3.09
N TRP A 61 8.90 2.94 3.78
CA TRP A 61 8.94 4.40 3.74
C TRP A 61 10.36 4.96 3.79
N LYS A 62 10.57 6.05 3.06
CA LYS A 62 11.91 6.62 2.88
C LYS A 62 12.28 7.66 3.94
N ARG A 63 11.31 8.47 4.38
CA ARG A 63 11.56 9.52 5.36
C ARG A 63 11.05 9.16 6.76
N TRP A 64 11.90 9.38 7.76
CA TRP A 64 11.55 9.10 9.15
C TRP A 64 12.17 10.14 10.10
N VAL A 65 11.48 10.39 11.22
CA VAL A 65 11.98 11.31 12.25
C VAL A 65 11.88 10.66 13.63
N VAL A 66 12.80 11.04 14.51
CA VAL A 66 12.79 10.60 15.90
C VAL A 66 12.42 11.78 16.79
N LEU A 67 11.32 11.64 17.52
CA LEU A 67 10.91 12.63 18.50
C LEU A 67 10.82 12.01 19.89
N PRO A 68 11.01 12.81 20.96
CA PRO A 68 10.76 12.29 22.30
C PRO A 68 9.28 12.00 22.52
N SER A 69 8.97 11.11 23.45
CA SER A 69 7.59 10.71 23.71
C SER A 69 6.80 11.80 24.44
N TRP A 70 6.46 12.86 23.72
CA TRP A 70 5.64 13.94 24.27
C TRP A 70 4.22 13.45 24.47
N ASN A 71 3.56 13.98 25.50
CA ASN A 71 2.21 13.58 25.89
C ASN A 71 1.21 13.40 24.74
N PRO A 72 1.06 14.42 23.86
CA PRO A 72 0.10 14.24 22.77
C PRO A 72 0.62 13.38 21.60
N VAL A 73 1.93 13.31 21.45
CA VAL A 73 2.54 12.47 20.41
C VAL A 73 2.35 10.98 20.72
N ALA A 74 2.62 10.59 21.96
CA ALA A 74 2.53 9.18 22.38
C ALA A 74 1.09 8.64 22.38
N ALA A 75 0.12 9.54 22.49
CA ALA A 75 -1.31 9.18 22.57
C ALA A 75 -1.90 8.65 21.26
N ILE A 76 -1.24 8.96 20.14
CA ILE A 76 -1.75 8.66 18.81
C ILE A 76 -1.75 7.16 18.51
N GLY A 77 -0.56 6.55 18.55
CA GLY A 77 -0.39 5.17 18.08
C GLY A 77 -0.47 5.11 16.58
N LYS A 78 -1.53 4.50 16.07
CA LYS A 78 -1.74 4.35 14.63
C LYS A 78 -2.15 5.67 13.95
N GLY A 79 -1.71 5.84 12.71
CA GLY A 79 -2.09 6.99 11.89
C GLY A 79 -1.24 8.24 12.09
N GLY A 80 -0.23 8.15 12.93
CA GLY A 80 0.65 9.28 13.22
C GLY A 80 1.55 9.60 12.06
N VAL A 81 1.74 10.89 11.80
CA VAL A 81 2.61 11.36 10.73
C VAL A 81 3.18 12.74 11.06
N ALA A 82 4.44 12.97 10.67
CA ALA A 82 5.08 14.27 10.85
C ALA A 82 5.21 14.95 9.49
N VAL A 83 4.83 16.22 9.43
CA VAL A 83 4.81 16.96 8.16
C VAL A 83 5.79 18.13 8.20
N SER A 84 6.80 18.06 7.32
CA SER A 84 7.85 19.08 7.21
C SER A 84 7.34 20.36 6.58
N PHE A 85 7.80 21.49 7.11
CA PHE A 85 7.51 22.79 6.53
C PHE A 85 8.77 23.63 6.54
N ARG A 86 9.11 24.23 5.39
CA ARG A 86 10.26 25.12 5.29
C ARG A 86 9.99 26.41 6.05
N ASP A 87 8.73 26.82 6.11
CA ASP A 87 8.34 28.07 6.76
C ASP A 87 7.08 27.89 7.60
N ASP A 88 6.76 28.88 8.43
CA ASP A 88 5.62 28.80 9.35
C ASP A 88 4.52 29.86 9.13
N ARG A 89 4.77 30.79 8.21
CA ARG A 89 3.82 31.87 7.89
C ARG A 89 2.56 31.37 7.19
N LYS A 90 2.76 30.74 6.03
CA LYS A 90 1.69 30.24 5.18
C LYS A 90 0.77 29.22 5.88
N VAL A 91 1.26 28.63 6.97
CA VAL A 91 0.62 27.47 7.58
C VAL A 91 -0.12 27.81 8.88
N LEU A 92 0.57 28.45 9.82
CA LEU A 92 -0.04 28.85 11.09
C LEU A 92 -1.09 29.94 10.88
N PRO A 93 -2.23 29.84 11.58
CA PRO A 93 -3.26 30.88 11.52
C PRO A 93 -2.86 32.15 12.29
N TRP A 94 -2.08 31.99 13.36
CA TRP A 94 -1.58 33.11 14.14
C TRP A 94 -0.12 33.45 13.80
N ASP A 95 0.63 33.97 14.77
CA ASP A 95 1.98 34.48 14.54
C ASP A 95 3.02 33.40 14.18
N GLY A 96 3.85 33.71 13.19
CA GLY A 96 4.98 32.88 12.84
C GLY A 96 6.27 33.57 13.27
N LYS A 97 7.40 32.90 13.07
CA LYS A 97 8.71 33.48 13.39
C LYS A 97 9.73 33.30 12.25
N GLU A 98 9.23 32.87 11.09
CA GLU A 98 10.05 32.66 9.88
C GLU A 98 11.06 31.53 10.09
N GLU A 99 10.54 30.31 10.22
CA GLU A 99 11.35 29.13 10.53
C GLU A 99 10.62 27.85 10.11
N PRO A 100 11.38 26.76 9.89
CA PRO A 100 10.76 25.47 9.57
C PRO A 100 9.88 24.92 10.68
N LEU A 101 8.99 23.99 10.32
CA LEU A 101 8.11 23.34 11.29
C LEU A 101 7.92 21.85 11.02
N LEU A 102 7.65 21.11 12.09
CA LEU A 102 7.06 19.79 11.98
C LEU A 102 5.68 19.86 12.59
N VAL A 103 4.70 19.41 11.82
CA VAL A 103 3.32 19.38 12.28
C VAL A 103 2.94 17.92 12.44
N VAL A 104 2.71 17.51 13.69
CA VAL A 104 2.37 16.12 13.97
C VAL A 104 0.87 15.96 13.88
N ALA A 105 0.43 15.12 12.95
CA ALA A 105 -0.99 14.94 12.68
C ALA A 105 -1.47 13.52 12.99
N ASP A 106 -2.69 13.44 13.51
CA ASP A 106 -3.36 12.17 13.76
C ASP A 106 -4.32 11.91 12.61
N ARG A 107 -3.89 11.09 11.65
CA ARG A 107 -4.69 10.79 10.46
C ARG A 107 -5.91 9.92 10.74
N VAL A 108 -5.93 9.31 11.93
CA VAL A 108 -7.10 8.55 12.37
C VAL A 108 -8.23 9.53 12.69
N ARG A 109 -7.89 10.57 13.45
CA ARG A 109 -8.83 11.64 13.77
C ARG A 109 -8.87 12.67 12.63
N ASN A 110 -9.24 12.22 11.43
CA ASN A 110 -9.28 13.10 10.27
C ASN A 110 -10.62 13.82 10.08
N VAL A 111 -11.69 13.21 10.61
CA VAL A 111 -13.03 13.78 10.54
C VAL A 111 -13.14 15.05 11.38
N VAL A 112 -13.62 16.12 10.76
CA VAL A 112 -13.78 17.41 11.41
C VAL A 112 -14.89 17.35 12.44
N GLU A 113 -14.52 17.41 13.72
CA GLU A 113 -15.50 17.30 14.82
C GLU A 113 -15.25 18.23 16.02
N ALA A 114 -14.02 18.67 16.21
CA ALA A 114 -13.69 19.59 17.30
C ALA A 114 -13.59 21.04 16.79
N ASP A 115 -14.42 21.91 17.38
CA ASP A 115 -14.52 23.31 16.99
C ASP A 115 -13.25 24.11 17.22
N ASP A 116 -12.52 23.76 18.26
CA ASP A 116 -11.32 24.52 18.66
C ASP A 116 -10.03 23.84 18.23
N GLY A 117 -10.15 22.61 17.72
CA GLY A 117 -9.00 21.89 17.19
C GLY A 117 -8.62 22.41 15.84
N TYR A 118 -7.44 22.03 15.37
CA TYR A 118 -7.00 22.37 14.03
C TYR A 118 -6.75 21.11 13.21
N TYR A 119 -7.14 21.17 11.95
CA TYR A 119 -7.01 20.04 11.07
C TYR A 119 -6.13 20.40 9.89
N LEU A 120 -5.37 19.43 9.40
CA LEU A 120 -4.53 19.60 8.23
C LEU A 120 -5.41 19.48 6.99
N VAL A 121 -5.40 20.52 6.16
CA VAL A 121 -6.30 20.60 5.02
C VAL A 121 -5.55 20.98 3.74
N VAL A 122 -5.99 20.43 2.62
CA VAL A 122 -5.48 20.76 1.28
C VAL A 122 -5.98 22.14 0.86
N ALA A 123 -5.07 22.98 0.40
CA ALA A 123 -5.43 24.26 -0.23
C ALA A 123 -5.29 24.12 -1.75
N GLU A 124 -5.60 25.19 -2.47
CA GLU A 124 -5.46 25.20 -3.93
C GLU A 124 -3.99 25.13 -4.35
N ASN A 125 -3.12 25.68 -3.50
CA ASN A 125 -1.69 25.79 -3.77
C ASN A 125 -0.83 24.83 -2.95
N GLY A 126 -1.05 24.82 -1.63
CA GLY A 126 -0.31 23.96 -0.71
C GLY A 126 -1.20 23.38 0.36
N LEU A 127 -0.68 23.37 1.59
CA LEU A 127 -1.43 22.87 2.74
C LEU A 127 -1.68 23.99 3.74
N LYS A 128 -2.81 23.91 4.43
CA LYS A 128 -3.14 24.86 5.48
C LYS A 128 -3.52 24.12 6.76
N LEU A 129 -3.43 24.83 7.89
CA LEU A 129 -4.10 24.39 9.10
C LEU A 129 -5.38 25.21 9.24
N GLU A 130 -6.51 24.54 9.40
CA GLU A 130 -7.79 25.23 9.50
C GLU A 130 -8.49 24.90 10.80
N LYS A 131 -9.15 25.89 11.38
CA LYS A 131 -9.92 25.73 12.60
C LYS A 131 -11.17 24.90 12.33
N GLY A 132 -11.42 23.89 13.16
CA GLY A 132 -12.59 23.03 13.02
C GLY A 132 -13.90 23.74 12.78
N SER A 133 -14.13 24.83 13.52
CA SER A 133 -15.35 25.62 13.40
C SER A 133 -15.49 26.29 12.01
N ASP A 134 -14.37 26.80 11.50
CA ASP A 134 -14.33 27.39 10.17
C ASP A 134 -14.56 26.34 9.09
N LEU A 135 -14.07 25.13 9.33
CA LEU A 135 -14.27 24.01 8.43
C LEU A 135 -15.74 23.58 8.42
N LYS A 136 -16.35 23.59 9.61
CA LYS A 136 -17.73 23.16 9.78
C LYS A 136 -18.70 24.10 9.07
N ALA A 137 -18.39 25.40 9.11
CA ALA A 137 -19.16 26.41 8.40
C ALA A 137 -19.08 26.23 6.88
N ARG A 138 -17.92 25.77 6.41
CA ARG A 138 -17.72 25.48 4.99
C ARG A 138 -18.32 24.14 4.62
N GLU A 139 -18.91 23.46 5.61
CA GLU A 139 -19.43 22.10 5.44
C GLU A 139 -18.35 21.15 4.92
N VAL A 140 -17.14 21.30 5.45
CA VAL A 140 -16.04 20.40 5.15
C VAL A 140 -16.03 19.34 6.25
N LYS A 141 -16.27 18.10 5.85
CA LYS A 141 -16.49 17.01 6.80
C LYS A 141 -15.22 16.24 7.12
N GLU A 142 -14.32 16.17 6.14
CA GLU A 142 -13.07 15.44 6.31
C GLU A 142 -11.83 16.28 6.02
N SER A 143 -10.74 15.93 6.69
CA SER A 143 -9.45 16.58 6.50
C SER A 143 -8.39 15.50 6.37
N LEU A 144 -7.11 15.90 6.37
CA LEU A 144 -6.02 14.94 6.27
C LEU A 144 -5.67 14.31 7.62
N GLY A 145 -6.08 14.97 8.71
CA GLY A 145 -5.81 14.50 10.06
C GLY A 145 -5.77 15.65 11.03
N MET A 146 -6.02 15.36 12.31
CA MET A 146 -6.06 16.40 13.34
C MET A 146 -4.64 16.77 13.80
N VAL A 147 -4.38 18.07 13.88
CA VAL A 147 -3.09 18.57 14.34
C VAL A 147 -2.94 18.35 15.84
N VAL A 148 -2.05 17.44 16.20
CA VAL A 148 -1.85 17.05 17.59
C VAL A 148 -0.79 17.93 18.26
N LEU A 149 0.32 18.18 17.57
CA LEU A 149 1.44 18.97 18.11
C LEU A 149 2.25 19.64 17.02
N VAL A 150 2.78 20.82 17.35
CA VAL A 150 3.65 21.59 16.45
C VAL A 150 5.07 21.65 17.02
N VAL A 151 6.03 21.15 16.24
CA VAL A 151 7.43 21.16 16.67
C VAL A 151 8.20 22.28 16.01
N ARG A 152 8.86 23.09 16.84
CA ARG A 152 9.74 24.17 16.36
C ARG A 152 11.20 23.72 16.42
N PRO A 153 12.10 24.40 15.69
CA PRO A 153 13.51 23.96 15.65
C PRO A 153 14.25 24.31 16.94
N PRO A 154 15.40 23.66 17.22
CA PRO A 154 16.20 24.01 18.40
C PRO A 154 16.78 25.41 18.33
N ARG A 155 16.74 26.14 19.45
CA ARG A 155 17.30 27.49 19.53
C ARG A 155 18.81 27.44 19.80
N GLU A 156 19.58 28.16 18.97
CA GLU A 156 21.04 28.16 19.07
C GLU A 156 21.53 28.99 20.26
N ILE B 6 -11.38 23.14 -25.77
CA ILE B 6 -12.77 23.61 -25.52
C ILE B 6 -13.69 22.47 -25.08
N ARG B 7 -13.59 21.34 -25.78
CA ARG B 7 -14.38 20.15 -25.45
C ARG B 7 -13.51 18.90 -25.42
N ILE B 8 -13.58 18.19 -24.29
CA ILE B 8 -12.87 16.92 -24.11
C ILE B 8 -13.77 15.74 -24.48
N PRO B 9 -13.17 14.60 -24.90
CA PRO B 9 -13.90 13.48 -25.52
C PRO B 9 -15.08 12.97 -24.70
N VAL B 10 -16.28 13.15 -25.24
CA VAL B 10 -17.53 12.77 -24.58
C VAL B 10 -18.14 11.56 -25.27
N VAL B 11 -18.59 10.59 -24.47
CA VAL B 11 -19.19 9.36 -24.96
C VAL B 11 -20.46 9.05 -24.18
N ARG B 12 -21.45 8.46 -24.84
CA ARG B 12 -22.65 7.94 -24.18
C ARG B 12 -22.57 6.43 -24.11
N LEU B 13 -22.91 5.86 -22.96
CA LEU B 13 -22.71 4.42 -22.73
C LEU B 13 -23.73 3.53 -23.44
N LYS B 14 -23.20 2.54 -24.17
CA LYS B 14 -23.98 1.50 -24.84
C LYS B 14 -23.03 0.39 -25.29
N PHE B 15 -23.31 -0.83 -24.83
CA PHE B 15 -22.56 -2.04 -25.22
C PHE B 15 -23.26 -3.29 -24.69
N ALA B 21 -13.23 -3.84 -31.17
CA ALA B 21 -12.58 -4.08 -29.89
C ALA B 21 -12.06 -5.52 -29.79
N THR B 22 -10.83 -5.66 -29.30
CA THR B 22 -10.22 -6.97 -29.03
C THR B 22 -10.61 -7.44 -27.63
N SER B 23 -10.48 -6.54 -26.65
CA SER B 23 -10.80 -6.82 -25.27
C SER B 23 -11.78 -5.80 -24.69
N VAL B 24 -11.81 -5.71 -23.36
CA VAL B 24 -12.63 -4.75 -22.62
C VAL B 24 -11.79 -4.19 -21.47
N VAL B 25 -11.98 -2.91 -21.16
CA VAL B 25 -11.21 -2.26 -20.09
C VAL B 25 -11.91 -2.31 -18.73
N VAL B 26 -11.14 -2.68 -17.71
CA VAL B 26 -11.61 -2.71 -16.32
C VAL B 26 -10.90 -1.63 -15.52
N LEU B 27 -11.67 -0.78 -14.84
CA LEU B 27 -11.11 0.33 -14.07
C LEU B 27 -11.64 0.38 -12.64
N PRO B 28 -10.77 0.74 -11.68
CA PRO B 28 -11.19 1.03 -10.30
C PRO B 28 -12.08 2.27 -10.24
N VAL B 29 -12.96 2.32 -9.25
CA VAL B 29 -13.98 3.37 -9.18
C VAL B 29 -13.89 4.15 -7.87
N CYS B 30 -14.06 5.47 -7.98
CA CYS B 30 -14.15 6.36 -6.84
C CYS B 30 -15.40 7.22 -6.97
N LYS B 31 -16.14 7.38 -5.88
CA LYS B 31 -17.29 8.29 -5.87
C LYS B 31 -16.82 9.72 -5.60
N ALA B 32 -17.42 10.68 -6.28
CA ALA B 32 -17.03 12.09 -6.15
C ALA B 32 -17.25 12.64 -4.75
N GLU B 33 -18.37 12.28 -4.14
CA GLU B 33 -18.70 12.68 -2.76
C GLU B 33 -17.71 12.13 -1.75
N GLU B 34 -17.16 10.95 -2.04
CA GLU B 34 -16.19 10.29 -1.15
C GLU B 34 -14.84 10.99 -1.12
N GLY B 35 -14.67 12.00 -1.97
CA GLY B 35 -13.54 12.92 -1.89
C GLY B 35 -12.29 12.53 -2.66
N GLU B 36 -11.26 13.38 -2.54
CA GLU B 36 -9.99 13.22 -3.27
C GLU B 36 -9.11 12.06 -2.80
N LYS B 37 -9.34 11.62 -1.57
CA LYS B 37 -8.46 10.63 -0.92
C LYS B 37 -8.40 9.30 -1.63
N LYS B 38 -9.58 8.80 -2.04
CA LYS B 38 -9.72 7.47 -2.59
C LYS B 38 -9.17 7.36 -4.02
N ILE B 39 -9.28 8.46 -4.76
CA ILE B 39 -8.72 8.58 -6.12
C ILE B 39 -7.21 8.33 -6.13
N LEU B 40 -6.52 8.84 -5.11
CA LEU B 40 -5.09 8.62 -4.96
C LEU B 40 -4.81 7.23 -4.42
N GLU B 41 -5.75 6.70 -3.64
CA GLU B 41 -5.58 5.40 -2.99
C GLU B 41 -5.80 4.20 -3.91
N ALA B 42 -6.53 4.42 -5.00
CA ALA B 42 -6.85 3.36 -5.98
C ALA B 42 -5.59 2.75 -6.60
N PRO B 43 -5.60 1.44 -6.88
CA PRO B 43 -4.42 0.77 -7.43
C PRO B 43 -4.00 1.31 -8.80
N MET B 44 -2.69 1.40 -9.02
CA MET B 44 -2.14 1.97 -10.25
C MET B 44 -1.79 0.89 -11.28
N GLU B 45 -1.13 -0.17 -10.84
CA GLU B 45 -0.72 -1.26 -11.71
C GLU B 45 -1.84 -2.29 -11.90
N ILE B 46 -2.78 -1.97 -12.79
CA ILE B 46 -3.94 -2.81 -13.07
C ILE B 46 -3.68 -3.61 -14.35
N ILE B 47 -3.07 -4.77 -14.18
CA ILE B 47 -2.59 -5.57 -15.32
C ILE B 47 -3.55 -6.71 -15.66
N ALA B 48 -3.95 -6.77 -16.93
CA ALA B 48 -4.75 -7.88 -17.44
C ALA B 48 -3.86 -8.84 -18.22
N GLY B 49 -3.99 -10.14 -17.94
CA GLY B 49 -3.12 -11.14 -18.58
C GLY B 49 -3.65 -12.56 -18.61
N GLY B 50 -2.84 -13.46 -19.17
CA GLY B 50 -3.17 -14.88 -19.25
C GLY B 50 -4.15 -15.20 -20.35
N ASP B 51 -4.65 -16.44 -20.32
CA ASP B 51 -5.56 -16.94 -21.34
C ASP B 51 -6.97 -16.35 -21.26
N PHE B 52 -7.33 -15.85 -20.07
CA PHE B 52 -8.73 -15.55 -19.75
C PHE B 52 -9.07 -14.06 -19.55
N LYS B 53 -8.06 -13.19 -19.73
CA LYS B 53 -8.21 -11.75 -19.46
C LYS B 53 -8.46 -11.50 -17.98
N VAL B 54 -7.75 -12.25 -17.14
CA VAL B 54 -7.80 -12.06 -15.68
C VAL B 54 -7.02 -10.79 -15.33
N VAL B 55 -7.61 -9.93 -14.52
CA VAL B 55 -6.96 -8.68 -14.14
C VAL B 55 -6.51 -8.73 -12.67
N GLU B 56 -5.21 -8.58 -12.46
CA GLU B 56 -4.63 -8.51 -11.12
C GLU B 56 -4.02 -7.13 -10.84
N ALA B 57 -4.23 -6.63 -9.63
CA ALA B 57 -3.76 -5.30 -9.25
C ALA B 57 -2.74 -5.34 -8.11
N GLU B 58 -2.08 -4.20 -7.90
CA GLU B 58 -1.12 -4.02 -6.82
C GLU B 58 -1.79 -3.98 -5.44
N LYS B 59 -2.93 -3.29 -5.36
CA LYS B 59 -3.69 -3.15 -4.13
C LYS B 59 -5.13 -3.62 -4.35
N GLY B 60 -5.76 -4.09 -3.28
CA GLY B 60 -7.16 -4.49 -3.32
C GLY B 60 -8.11 -3.30 -3.38
N TRP B 61 -9.23 -3.47 -4.08
CA TRP B 61 -10.20 -2.41 -4.27
C TRP B 61 -11.62 -3.00 -4.29
N LYS B 62 -12.60 -2.17 -3.94
CA LYS B 62 -13.98 -2.65 -3.76
C LYS B 62 -14.93 -2.30 -4.90
N ARG B 63 -14.66 -1.18 -5.58
CA ARG B 63 -15.52 -0.71 -6.66
C ARG B 63 -14.83 -0.80 -8.02
N TRP B 64 -15.52 -1.40 -9.00
CA TRP B 64 -14.99 -1.55 -10.35
C TRP B 64 -16.06 -1.30 -11.40
N VAL B 65 -15.63 -0.81 -12.55
CA VAL B 65 -16.51 -0.65 -13.71
C VAL B 65 -15.93 -1.34 -14.93
N VAL B 66 -16.82 -1.87 -15.76
CA VAL B 66 -16.44 -2.46 -17.02
C VAL B 66 -16.83 -1.50 -18.15
N LEU B 67 -15.84 -1.11 -18.92
CA LEU B 67 -16.05 -0.21 -20.07
C LEU B 67 -15.37 -0.75 -21.34
N PRO B 68 -16.01 -0.53 -22.51
CA PRO B 68 -15.42 -0.98 -23.78
C PRO B 68 -14.12 -0.25 -24.05
N SER B 69 -13.17 -0.94 -24.69
CA SER B 69 -11.84 -0.37 -24.96
C SER B 69 -11.93 0.76 -25.98
N TRP B 70 -12.38 1.93 -25.53
CA TRP B 70 -12.44 3.11 -26.37
C TRP B 70 -11.04 3.65 -26.61
N ASN B 71 -10.87 4.29 -27.76
CA ASN B 71 -9.57 4.79 -28.23
C ASN B 71 -8.71 5.48 -27.17
N PRO B 72 -9.26 6.52 -26.47
CA PRO B 72 -8.44 7.19 -25.45
C PRO B 72 -8.30 6.40 -24.15
N VAL B 73 -9.24 5.48 -23.89
CA VAL B 73 -9.21 4.66 -22.66
C VAL B 73 -8.09 3.63 -22.66
N ALA B 74 -8.01 2.82 -23.72
CA ALA B 74 -7.02 1.75 -23.83
C ALA B 74 -5.57 2.26 -23.85
N ALA B 75 -5.40 3.53 -24.19
CA ALA B 75 -4.09 4.17 -24.28
C ALA B 75 -3.41 4.41 -22.93
N ILE B 76 -4.20 4.43 -21.87
CA ILE B 76 -3.72 4.74 -20.52
C ILE B 76 -2.83 3.66 -19.92
N GLY B 77 -3.39 2.47 -19.71
CA GLY B 77 -2.69 1.39 -19.02
C GLY B 77 -2.64 1.66 -17.53
N LYS B 78 -1.43 1.88 -17.01
CA LYS B 78 -1.23 2.17 -15.59
C LYS B 78 -1.74 3.56 -15.21
N GLY B 79 -2.34 3.67 -14.03
CA GLY B 79 -2.77 4.95 -13.49
C GLY B 79 -4.18 5.37 -13.81
N GLY B 80 -4.90 4.55 -14.58
CA GLY B 80 -6.28 4.83 -14.92
C GLY B 80 -7.22 4.66 -13.75
N VAL B 81 -8.19 5.56 -13.62
CA VAL B 81 -9.25 5.49 -12.61
C VAL B 81 -10.52 6.10 -13.20
N ALA B 82 -11.68 5.58 -12.78
CA ALA B 82 -12.96 6.18 -13.13
C ALA B 82 -13.56 6.84 -11.90
N VAL B 83 -14.14 8.02 -12.09
CA VAL B 83 -14.73 8.78 -10.98
C VAL B 83 -16.23 8.98 -11.21
N SER B 84 -17.03 8.49 -10.28
CA SER B 84 -18.49 8.63 -10.32
C SER B 84 -18.90 10.04 -9.98
N PHE B 85 -19.91 10.55 -10.67
CA PHE B 85 -20.53 11.83 -10.34
C PHE B 85 -22.05 11.70 -10.42
N ARG B 86 -22.75 12.23 -9.41
CA ARG B 86 -24.20 12.22 -9.39
C ARG B 86 -24.77 13.28 -10.33
N ASP B 87 -24.12 14.44 -10.36
CA ASP B 87 -24.46 15.51 -11.30
C ASP B 87 -23.26 15.92 -12.16
N ASP B 88 -23.54 16.78 -13.15
CA ASP B 88 -22.52 17.21 -14.10
C ASP B 88 -22.31 18.72 -14.17
N ARG B 89 -23.17 19.48 -13.49
CA ARG B 89 -23.09 20.94 -13.44
C ARG B 89 -21.83 21.40 -12.69
N LYS B 90 -21.70 20.89 -11.46
CA LYS B 90 -20.58 21.21 -10.57
C LYS B 90 -19.21 20.82 -11.16
N VAL B 91 -19.23 19.94 -12.16
CA VAL B 91 -18.03 19.31 -12.69
C VAL B 91 -17.61 19.87 -14.05
N LEU B 92 -18.51 19.78 -15.04
CA LEU B 92 -18.24 20.24 -16.39
C LEU B 92 -18.08 21.75 -16.44
N PRO B 93 -17.04 22.24 -17.16
CA PRO B 93 -16.79 23.67 -17.35
C PRO B 93 -17.80 24.34 -18.29
N TRP B 94 -18.27 23.59 -19.29
CA TRP B 94 -19.27 24.07 -20.24
C TRP B 94 -20.66 23.49 -19.92
N ASP B 95 -21.45 23.20 -20.96
CA ASP B 95 -22.84 22.78 -20.79
C ASP B 95 -23.02 21.45 -20.06
N GLY B 96 -23.89 21.46 -19.05
CA GLY B 96 -24.32 20.26 -18.37
C GLY B 96 -25.70 19.84 -18.85
N LYS B 97 -26.11 18.63 -18.48
CA LYS B 97 -27.41 18.10 -18.87
C LYS B 97 -28.23 17.68 -17.65
N GLU B 98 -27.69 17.92 -16.46
CA GLU B 98 -28.28 17.50 -15.18
C GLU B 98 -28.39 15.97 -15.12
N GLU B 99 -27.24 15.29 -15.12
CA GLU B 99 -27.18 13.83 -15.14
C GLU B 99 -25.83 13.32 -14.60
N PRO B 100 -25.79 12.03 -14.18
CA PRO B 100 -24.55 11.44 -13.66
C PRO B 100 -23.43 11.37 -14.71
N LEU B 101 -22.19 11.26 -14.24
CA LEU B 101 -21.04 11.15 -15.11
C LEU B 101 -20.00 10.16 -14.61
N LEU B 102 -19.28 9.56 -15.55
CA LEU B 102 -18.08 8.84 -15.23
C LEU B 102 -16.93 9.57 -15.91
N VAL B 103 -15.94 9.96 -15.12
CA VAL B 103 -14.79 10.68 -15.64
C VAL B 103 -13.58 9.76 -15.59
N VAL B 104 -13.01 9.47 -16.75
CA VAL B 104 -11.84 8.61 -16.83
C VAL B 104 -10.57 9.46 -16.80
N ALA B 105 -9.73 9.21 -15.79
CA ALA B 105 -8.55 10.03 -15.54
C ALA B 105 -7.27 9.22 -15.61
N ASP B 106 -6.20 9.86 -16.10
CA ASP B 106 -4.89 9.24 -16.20
C ASP B 106 -3.99 9.87 -15.14
N ARG B 107 -3.77 9.14 -14.03
CA ARG B 107 -3.05 9.67 -12.88
C ARG B 107 -1.54 9.72 -13.09
N VAL B 108 -1.07 8.97 -14.09
CA VAL B 108 0.34 8.99 -14.45
C VAL B 108 0.73 10.38 -14.96
N ARG B 109 -0.13 10.99 -15.76
CA ARG B 109 0.06 12.39 -16.15
C ARG B 109 -0.79 13.34 -15.32
N ASN B 110 -0.38 13.49 -14.06
CA ASN B 110 -1.03 14.41 -13.13
C ASN B 110 -0.39 15.79 -13.16
N VAL B 111 0.85 15.86 -13.67
CA VAL B 111 1.55 17.13 -13.85
C VAL B 111 0.84 17.97 -14.92
N VAL B 112 0.54 19.22 -14.59
CA VAL B 112 -0.13 20.14 -15.51
C VAL B 112 0.78 20.47 -16.70
N GLU B 113 0.48 19.87 -17.85
CA GLU B 113 1.34 20.01 -19.03
C GLU B 113 0.65 20.67 -20.22
N ALA B 114 -0.55 20.18 -20.56
CA ALA B 114 -1.25 20.64 -21.77
C ALA B 114 -2.26 21.74 -21.48
N ASP B 115 -2.18 22.82 -22.25
CA ASP B 115 -3.01 24.01 -22.06
C ASP B 115 -4.49 23.76 -22.33
N ASP B 116 -4.77 22.89 -23.30
CA ASP B 116 -6.12 22.63 -23.75
C ASP B 116 -6.74 21.39 -23.11
N GLY B 117 -5.91 20.57 -22.47
CA GLY B 117 -6.39 19.38 -21.77
C GLY B 117 -7.05 19.75 -20.46
N TYR B 118 -7.80 18.82 -19.88
CA TYR B 118 -8.39 19.06 -18.56
C TYR B 118 -7.79 18.15 -17.50
N TYR B 119 -7.66 18.68 -16.29
CA TYR B 119 -7.07 17.94 -15.20
C TYR B 119 -8.05 17.87 -14.05
N LEU B 120 -8.07 16.70 -13.39
CA LEU B 120 -8.88 16.49 -12.21
C LEU B 120 -8.17 17.15 -11.01
N VAL B 121 -8.87 18.09 -10.37
CA VAL B 121 -8.26 18.93 -9.35
C VAL B 121 -9.17 19.04 -8.12
N VAL B 122 -8.56 19.07 -6.94
CA VAL B 122 -9.30 19.28 -5.70
C VAL B 122 -9.69 20.75 -5.57
N ALA B 123 -10.97 21.00 -5.25
CA ALA B 123 -11.44 22.33 -4.89
C ALA B 123 -11.68 22.37 -3.37
N GLU B 124 -12.26 23.47 -2.88
CA GLU B 124 -12.50 23.65 -1.45
C GLU B 124 -13.64 22.77 -0.93
N ASN B 125 -14.69 22.64 -1.72
CA ASN B 125 -15.86 21.85 -1.34
C ASN B 125 -15.92 20.47 -1.99
N GLY B 126 -15.47 20.38 -3.24
CA GLY B 126 -15.49 19.12 -3.98
C GLY B 126 -14.40 19.03 -5.03
N LEU B 127 -14.72 18.36 -6.14
CA LEU B 127 -13.77 18.15 -7.22
C LEU B 127 -14.19 18.87 -8.50
N LYS B 128 -13.22 19.56 -9.12
CA LYS B 128 -13.47 20.27 -10.36
C LYS B 128 -12.61 19.72 -11.50
N LEU B 129 -13.01 20.04 -12.73
CA LEU B 129 -12.20 19.80 -13.90
C LEU B 129 -11.69 21.16 -14.37
N GLU B 130 -10.38 21.38 -14.29
CA GLU B 130 -9.81 22.66 -14.67
C GLU B 130 -9.00 22.56 -15.95
N LYS B 131 -9.07 23.61 -16.76
CA LYS B 131 -8.32 23.69 -18.01
C LYS B 131 -6.85 23.95 -17.70
N GLY B 132 -5.96 23.29 -18.44
CA GLY B 132 -4.51 23.38 -18.24
C GLY B 132 -3.95 24.79 -18.16
N SER B 133 -4.38 25.64 -19.11
CA SER B 133 -3.93 27.02 -19.16
C SER B 133 -4.36 27.82 -17.93
N ASP B 134 -5.56 27.53 -17.42
CA ASP B 134 -6.07 28.13 -16.19
C ASP B 134 -5.26 27.74 -14.97
N LEU B 135 -4.81 26.49 -14.94
CA LEU B 135 -4.00 26.00 -13.84
C LEU B 135 -2.62 26.62 -13.86
N LYS B 136 -2.07 26.78 -15.08
CA LYS B 136 -0.74 27.37 -15.26
C LYS B 136 -0.70 28.82 -14.81
N ALA B 137 -1.80 29.55 -15.08
CA ALA B 137 -1.93 30.94 -14.65
C ALA B 137 -2.01 31.04 -13.11
N ARG B 138 -2.62 30.04 -12.47
CA ARG B 138 -2.67 29.97 -11.01
C ARG B 138 -1.42 29.31 -10.45
N GLU B 139 -0.46 29.01 -11.32
CA GLU B 139 0.80 28.37 -10.94
C GLU B 139 0.57 27.06 -10.17
N VAL B 140 -0.44 26.31 -10.58
CA VAL B 140 -0.72 24.99 -10.03
C VAL B 140 0.00 23.97 -10.91
N LYS B 141 0.86 23.15 -10.30
CA LYS B 141 1.79 22.32 -11.06
C LYS B 141 1.36 20.87 -11.21
N GLU B 142 0.77 20.31 -10.16
CA GLU B 142 0.26 18.95 -10.20
C GLU B 142 -1.25 18.89 -10.02
N SER B 143 -1.84 17.77 -10.39
CA SER B 143 -3.26 17.53 -10.24
C SER B 143 -3.47 16.08 -9.83
N LEU B 144 -4.72 15.65 -9.80
CA LEU B 144 -5.04 14.26 -9.49
C LEU B 144 -4.89 13.36 -10.71
N GLY B 145 -4.86 13.98 -11.91
CA GLY B 145 -4.72 13.24 -13.16
C GLY B 145 -5.39 13.92 -14.33
N MET B 146 -4.92 13.62 -15.54
CA MET B 146 -5.48 14.21 -16.76
C MET B 146 -6.78 13.55 -17.16
N VAL B 147 -7.78 14.36 -17.47
CA VAL B 147 -9.08 13.84 -17.88
C VAL B 147 -9.03 13.33 -19.31
N VAL B 148 -9.21 12.03 -19.45
CA VAL B 148 -9.07 11.34 -20.73
C VAL B 148 -10.41 11.22 -21.45
N LEU B 149 -11.43 10.76 -20.74
CA LEU B 149 -12.75 10.56 -21.33
C LEU B 149 -13.84 10.85 -20.32
N VAL B 150 -15.02 11.20 -20.83
CA VAL B 150 -16.17 11.46 -20.00
C VAL B 150 -17.32 10.61 -20.50
N VAL B 151 -17.77 9.67 -19.68
CA VAL B 151 -18.88 8.79 -20.03
C VAL B 151 -20.19 9.33 -19.50
N ARG B 152 -21.17 9.47 -20.39
CA ARG B 152 -22.53 9.86 -20.01
C ARG B 152 -23.40 8.60 -19.94
N PRO B 153 -24.52 8.66 -19.18
CA PRO B 153 -25.32 7.44 -19.05
C PRO B 153 -26.17 7.15 -20.29
N PRO B 154 -26.68 5.91 -20.43
CA PRO B 154 -27.68 5.65 -21.47
C PRO B 154 -28.89 6.57 -21.27
N ARG B 155 -29.21 7.36 -22.29
CA ARG B 155 -30.33 8.30 -22.23
C ARG B 155 -30.80 8.67 -23.64
N ARG C 7 38.72 -9.31 20.98
CA ARG C 7 38.03 -9.58 19.69
C ARG C 7 37.31 -8.34 19.16
N ILE C 8 35.99 -8.30 19.32
CA ILE C 8 35.15 -7.21 18.81
C ILE C 8 34.39 -6.45 19.90
N PRO C 9 34.21 -5.13 19.72
CA PRO C 9 33.46 -4.31 20.68
C PRO C 9 31.99 -4.74 20.78
N VAL C 10 31.50 -4.89 22.01
CA VAL C 10 30.13 -5.31 22.29
C VAL C 10 29.54 -4.41 23.39
N VAL C 11 28.34 -3.87 23.14
CA VAL C 11 27.68 -2.96 24.07
C VAL C 11 26.29 -3.47 24.45
N ARG C 12 25.95 -3.35 25.73
CA ARG C 12 24.60 -3.64 26.18
C ARG C 12 23.84 -2.33 26.30
N LEU C 13 22.72 -2.25 25.61
CA LEU C 13 21.85 -1.07 25.65
C LEU C 13 21.12 -1.02 27.00
N LYS C 14 21.21 0.14 27.67
CA LYS C 14 20.56 0.34 28.96
C LYS C 14 19.05 0.57 28.80
N PHE C 15 18.29 0.12 29.80
CA PHE C 15 16.83 0.27 29.82
C PHE C 15 16.43 1.75 29.84
N GLY C 16 16.13 2.28 28.65
CA GLY C 16 15.74 3.68 28.50
C GLY C 16 16.90 4.61 28.15
N GLU C 17 17.94 4.05 27.54
CA GLU C 17 19.14 4.80 27.15
C GLU C 17 18.87 5.70 25.95
N VAL C 18 17.99 5.24 25.06
CA VAL C 18 17.61 5.98 23.85
C VAL C 18 16.91 7.31 24.15
N ALA C 19 16.06 7.31 25.18
CA ALA C 19 15.28 8.48 25.58
C ALA C 19 16.12 9.56 26.23
N GLU C 20 17.18 9.16 26.91
CA GLU C 20 18.06 10.08 27.64
C GLU C 20 19.23 10.57 26.78
N ALA C 21 19.35 10.04 25.57
CA ALA C 21 20.46 10.38 24.68
C ALA C 21 20.35 11.78 24.07
N THR C 22 21.49 12.45 23.93
CA THR C 22 21.56 13.78 23.31
C THR C 22 21.53 13.68 21.79
N SER C 23 22.18 12.65 21.25
CA SER C 23 22.23 12.44 19.81
C SER C 23 21.96 10.98 19.48
N VAL C 24 21.39 10.73 18.30
CA VAL C 24 20.91 9.39 17.91
C VAL C 24 21.18 9.06 16.43
N VAL C 25 21.38 7.78 16.14
CA VAL C 25 21.50 7.28 14.77
C VAL C 25 20.35 6.31 14.50
N VAL C 26 19.86 6.31 13.25
CA VAL C 26 18.76 5.42 12.84
C VAL C 26 19.24 4.48 11.73
N LEU C 27 18.97 3.19 11.90
CA LEU C 27 19.46 2.15 10.97
C LEU C 27 18.35 1.20 10.51
N PRO C 28 18.37 0.80 9.22
CA PRO C 28 17.48 -0.24 8.71
C PRO C 28 17.75 -1.57 9.39
N VAL C 29 16.70 -2.37 9.56
CA VAL C 29 16.79 -3.63 10.30
C VAL C 29 16.51 -4.84 9.42
N CYS C 30 17.27 -5.90 9.64
CA CYS C 30 17.05 -7.17 8.98
C CYS C 30 16.91 -8.28 10.03
N LYS C 31 16.12 -9.30 9.72
CA LYS C 31 15.99 -10.45 10.61
C LYS C 31 16.94 -11.56 10.21
N ALA C 32 17.23 -12.46 11.14
CA ALA C 32 18.10 -13.60 10.88
C ALA C 32 17.46 -14.59 9.90
N GLU C 33 16.18 -14.89 10.15
CA GLU C 33 15.41 -15.85 9.35
C GLU C 33 15.22 -15.42 7.90
N GLU C 34 15.10 -14.11 7.67
CA GLU C 34 14.75 -13.58 6.35
C GLU C 34 15.93 -13.61 5.36
N GLY C 35 17.11 -13.97 5.86
CA GLY C 35 18.26 -14.29 5.01
C GLY C 35 19.09 -13.15 4.46
N GLU C 36 19.94 -13.50 3.49
CA GLU C 36 20.89 -12.59 2.85
C GLU C 36 20.24 -11.58 1.90
N LYS C 37 19.11 -11.97 1.33
CA LYS C 37 18.42 -11.21 0.29
C LYS C 37 17.97 -9.84 0.79
N LYS C 38 17.37 -9.83 1.98
CA LYS C 38 16.84 -8.61 2.56
C LYS C 38 17.95 -7.69 3.06
N ILE C 39 19.10 -8.29 3.42
CA ILE C 39 20.30 -7.54 3.83
C ILE C 39 20.82 -6.66 2.70
N LEU C 40 20.83 -7.21 1.49
CA LEU C 40 21.31 -6.48 0.31
C LEU C 40 20.28 -5.48 -0.22
N GLU C 41 19.00 -5.78 -0.01
CA GLU C 41 17.91 -4.94 -0.50
C GLU C 41 17.69 -3.67 0.35
N ALA C 42 18.17 -3.70 1.59
CA ALA C 42 18.03 -2.58 2.53
C ALA C 42 18.68 -1.29 2.02
N PRO C 43 18.08 -0.12 2.34
CA PRO C 43 18.62 1.19 1.92
C PRO C 43 20.08 1.40 2.32
N MET C 44 20.88 1.85 1.37
CA MET C 44 22.31 2.04 1.58
C MET C 44 22.61 3.47 2.00
N GLU C 45 21.95 4.44 1.35
CA GLU C 45 22.23 5.85 1.58
C GLU C 45 21.21 6.49 2.53
N ILE C 46 21.61 6.59 3.80
CA ILE C 46 20.75 7.07 4.87
C ILE C 46 21.29 8.41 5.36
N ILE C 47 20.82 9.49 4.75
CA ILE C 47 21.25 10.83 5.10
C ILE C 47 20.25 11.45 6.07
N ALA C 48 20.77 12.03 7.16
CA ALA C 48 19.97 12.73 8.15
C ALA C 48 20.35 14.20 8.19
N GLY C 49 19.39 15.08 7.92
CA GLY C 49 19.66 16.51 7.84
C GLY C 49 18.53 17.40 8.32
N GLY C 50 18.78 18.72 8.27
CA GLY C 50 17.80 19.71 8.69
C GLY C 50 17.83 20.00 10.18
N ASP C 51 17.06 21.01 10.59
CA ASP C 51 16.96 21.41 11.99
C ASP C 51 16.33 20.33 12.88
N PHE C 52 15.64 19.38 12.25
CA PHE C 52 14.93 18.33 12.98
C PHE C 52 15.61 16.97 12.92
N LYS C 53 16.76 16.91 12.24
CA LYS C 53 17.52 15.67 12.05
C LYS C 53 16.65 14.61 11.36
N VAL C 54 15.97 15.03 10.29
CA VAL C 54 15.10 14.15 9.53
C VAL C 54 15.94 13.19 8.69
N VAL C 55 15.58 11.91 8.76
CA VAL C 55 16.30 10.84 8.09
C VAL C 55 15.62 10.45 6.78
N GLU C 56 16.34 10.61 5.67
CA GLU C 56 15.83 10.19 4.36
C GLU C 56 16.72 9.14 3.70
N ALA C 57 16.08 8.05 3.27
CA ALA C 57 16.75 6.96 2.56
C ALA C 57 16.40 6.99 1.08
N GLU C 58 17.19 6.29 0.28
CA GLU C 58 16.96 6.19 -1.16
C GLU C 58 15.82 5.22 -1.48
N LYS C 59 15.83 4.07 -0.81
CA LYS C 59 14.83 3.04 -1.00
C LYS C 59 13.85 3.06 0.16
N GLY C 60 12.64 2.58 -0.08
CA GLY C 60 11.65 2.44 0.98
C GLY C 60 11.99 1.26 1.86
N TRP C 61 11.77 1.41 3.16
CA TRP C 61 12.03 0.33 4.11
C TRP C 61 10.99 0.22 5.21
N LYS C 62 10.84 -0.99 5.73
CA LYS C 62 9.75 -1.37 6.62
C LYS C 62 10.12 -1.30 8.10
N ARG C 63 11.25 -1.93 8.45
CA ARG C 63 11.68 -1.99 9.84
C ARG C 63 12.94 -1.18 10.12
N TRP C 64 12.97 -0.54 11.29
CA TRP C 64 14.03 0.40 11.65
C TRP C 64 14.42 0.28 13.13
N VAL C 65 15.64 0.71 13.45
CA VAL C 65 16.11 0.75 14.84
C VAL C 65 16.72 2.10 15.20
N VAL C 66 16.36 2.59 16.37
CA VAL C 66 16.88 3.85 16.90
C VAL C 66 17.95 3.53 17.94
N LEU C 67 19.16 4.01 17.68
CA LEU C 67 20.29 3.77 18.57
C LEU C 67 20.99 5.08 18.92
N PRO C 68 21.48 5.19 20.17
CA PRO C 68 22.29 6.35 20.55
C PRO C 68 23.59 6.41 19.75
N SER C 69 24.09 7.62 19.52
CA SER C 69 25.26 7.85 18.67
C SER C 69 26.55 7.34 19.31
N TRP C 70 26.70 6.02 19.33
CA TRP C 70 27.92 5.39 19.82
C TRP C 70 29.06 5.64 18.84
N ASN C 71 30.26 5.77 19.40
CA ASN C 71 31.46 6.12 18.63
C ASN C 71 31.65 5.35 17.32
N PRO C 72 31.63 4.00 17.35
CA PRO C 72 31.83 3.28 16.09
C PRO C 72 30.59 3.25 15.19
N VAL C 73 29.42 3.47 15.75
CA VAL C 73 28.16 3.41 15.00
C VAL C 73 27.98 4.64 14.11
N ALA C 74 28.08 5.82 14.71
CA ALA C 74 27.98 7.09 13.97
C ALA C 74 29.09 7.25 12.94
N ALA C 75 30.16 6.48 13.13
CA ALA C 75 31.34 6.52 12.25
C ALA C 75 31.07 5.90 10.88
N ILE C 76 30.00 5.12 10.76
CA ILE C 76 29.69 4.42 9.52
C ILE C 76 29.20 5.37 8.42
N GLY C 77 28.09 6.04 8.69
CA GLY C 77 27.43 6.88 7.69
C GLY C 77 26.73 6.03 6.64
N LYS C 78 27.24 6.09 5.41
CA LYS C 78 26.70 5.31 4.30
C LYS C 78 26.95 3.82 4.48
N GLY C 79 25.92 3.01 4.21
CA GLY C 79 26.04 1.55 4.24
C GLY C 79 25.77 0.86 5.56
N GLY C 80 25.33 1.61 6.57
CA GLY C 80 25.03 1.04 7.89
C GLY C 80 23.76 0.20 7.93
N VAL C 81 23.78 -0.88 8.72
CA VAL C 81 22.64 -1.77 8.88
C VAL C 81 22.67 -2.54 10.22
N ALA C 82 21.51 -2.92 10.74
CA ALA C 82 21.42 -3.72 11.95
C ALA C 82 20.65 -5.02 11.71
N VAL C 83 21.26 -6.14 12.09
CA VAL C 83 20.65 -7.46 11.86
C VAL C 83 20.21 -8.12 13.16
N SER C 84 18.92 -8.46 13.23
CA SER C 84 18.31 -9.10 14.38
C SER C 84 18.66 -10.58 14.47
N PHE C 85 18.78 -11.06 15.69
CA PHE C 85 18.97 -12.49 15.95
C PHE C 85 18.11 -12.87 17.16
N ARG C 86 17.42 -13.99 17.03
CA ARG C 86 16.60 -14.54 18.11
C ARG C 86 17.48 -15.10 19.23
N ASP C 87 18.60 -15.69 18.84
CA ASP C 87 19.51 -16.34 19.78
C ASP C 87 20.95 -15.98 19.44
N ASP C 88 21.81 -15.95 20.45
CA ASP C 88 23.20 -15.51 20.29
C ASP C 88 24.23 -16.65 20.19
N ARG C 89 23.75 -17.89 20.24
CA ARG C 89 24.62 -19.06 20.24
C ARG C 89 25.27 -19.38 18.88
N LYS C 90 24.44 -19.67 17.89
CA LYS C 90 24.91 -20.06 16.56
C LYS C 90 25.49 -18.90 15.75
N VAL C 91 25.60 -17.74 16.39
CA VAL C 91 26.02 -16.51 15.73
C VAL C 91 27.42 -16.09 16.19
N LEU C 92 27.55 -15.85 17.50
CA LEU C 92 28.82 -15.46 18.11
C LEU C 92 29.84 -16.59 18.07
N PRO C 93 31.12 -16.26 17.78
CA PRO C 93 32.19 -17.26 17.79
C PRO C 93 32.56 -17.71 19.20
N TRP C 94 32.43 -16.83 20.19
CA TRP C 94 32.71 -17.16 21.58
C TRP C 94 31.42 -17.39 22.38
N ASP C 95 31.46 -17.05 23.68
CA ASP C 95 30.33 -17.35 24.57
C ASP C 95 29.09 -16.50 24.31
N GLY C 96 27.94 -17.15 24.43
CA GLY C 96 26.65 -16.47 24.37
C GLY C 96 26.01 -16.46 25.74
N LYS C 97 24.82 -15.87 25.84
CA LYS C 97 24.06 -15.82 27.09
C LYS C 97 22.58 -16.19 26.91
N GLU C 98 22.25 -16.74 25.75
CA GLU C 98 20.87 -17.14 25.39
C GLU C 98 19.90 -15.95 25.41
N GLU C 99 20.10 -15.03 24.46
CA GLU C 99 19.29 -13.81 24.36
C GLU C 99 19.28 -13.26 22.93
N PRO C 100 18.25 -12.47 22.57
CA PRO C 100 18.20 -11.78 21.27
C PRO C 100 19.39 -10.84 21.07
N LEU C 101 19.73 -10.57 19.81
CA LEU C 101 20.95 -9.82 19.51
C LEU C 101 20.83 -8.95 18.25
N LEU C 102 21.48 -7.79 18.29
CA LEU C 102 21.57 -6.89 17.14
C LEU C 102 23.02 -6.68 16.70
N VAL C 103 23.28 -6.99 15.43
CA VAL C 103 24.62 -6.83 14.89
C VAL C 103 24.67 -5.70 13.87
N VAL C 104 25.43 -4.66 14.20
CA VAL C 104 25.59 -3.49 13.35
C VAL C 104 26.71 -3.76 12.35
N ALA C 105 26.37 -3.65 11.06
CA ALA C 105 27.31 -3.98 9.98
C ALA C 105 27.55 -2.82 9.02
N ASP C 106 28.76 -2.75 8.48
CA ASP C 106 29.16 -1.76 7.49
C ASP C 106 29.39 -2.48 6.18
N ARG C 107 28.36 -2.56 5.35
CA ARG C 107 28.46 -3.30 4.10
C ARG C 107 29.25 -2.57 3.01
N VAL C 108 29.61 -1.31 3.27
CA VAL C 108 30.50 -0.55 2.37
C VAL C 108 31.88 -1.20 2.32
N ARG C 109 32.44 -1.50 3.49
CA ARG C 109 33.67 -2.28 3.56
C ARG C 109 33.35 -3.74 3.86
N ASN C 110 32.81 -4.42 2.85
CA ASN C 110 32.43 -5.83 2.95
C ASN C 110 33.58 -6.78 2.56
N VAL C 111 34.59 -6.24 1.88
CA VAL C 111 35.74 -7.04 1.48
C VAL C 111 36.62 -7.34 2.69
N VAL C 112 37.07 -8.60 2.79
CA VAL C 112 37.88 -9.06 3.92
C VAL C 112 39.30 -8.54 3.84
N GLU C 113 39.71 -7.77 4.84
CA GLU C 113 41.08 -7.24 4.91
C GLU C 113 41.66 -7.30 6.33
N ALA C 114 40.81 -7.12 7.33
CA ALA C 114 41.23 -7.18 8.73
C ALA C 114 41.28 -8.62 9.21
N ASP C 115 42.45 -9.02 9.71
CA ASP C 115 42.67 -10.38 10.22
C ASP C 115 41.94 -10.60 11.53
N ASP C 116 41.87 -9.55 12.34
CA ASP C 116 41.31 -9.62 13.69
C ASP C 116 39.82 -9.21 13.71
N GLY C 117 39.39 -8.49 12.68
CA GLY C 117 38.00 -8.05 12.56
C GLY C 117 37.06 -9.19 12.18
N TYR C 118 35.76 -8.96 12.39
CA TYR C 118 34.75 -9.97 12.09
C TYR C 118 33.81 -9.52 10.97
N TYR C 119 33.29 -10.50 10.21
CA TYR C 119 32.49 -10.23 9.02
C TYR C 119 31.22 -11.06 8.96
N LEU C 120 30.15 -10.45 8.47
CA LEU C 120 28.88 -11.16 8.30
C LEU C 120 28.90 -11.98 7.02
N VAL C 121 28.65 -13.28 7.15
CA VAL C 121 28.67 -14.19 6.00
C VAL C 121 27.47 -15.14 5.98
N VAL C 122 27.10 -15.54 4.76
CA VAL C 122 26.07 -16.54 4.56
C VAL C 122 26.64 -17.91 4.97
N ALA C 123 25.95 -18.58 5.90
CA ALA C 123 26.31 -19.93 6.30
C ALA C 123 25.52 -20.93 5.47
N GLU C 124 26.04 -22.15 5.34
CA GLU C 124 25.37 -23.22 4.60
C GLU C 124 23.91 -23.39 5.04
N ASN C 125 23.60 -22.82 6.20
CA ASN C 125 22.25 -22.83 6.76
C ASN C 125 21.61 -21.44 6.80
N GLY C 126 22.24 -20.50 7.51
CA GLY C 126 21.68 -19.16 7.69
C GLY C 126 22.69 -18.03 7.57
N LEU C 127 22.97 -17.36 8.69
CA LEU C 127 23.89 -16.22 8.72
C LEU C 127 24.79 -16.30 9.95
N LYS C 128 26.09 -16.30 9.73
CA LYS C 128 27.07 -16.41 10.82
C LYS C 128 28.13 -15.30 10.82
N LEU C 129 28.87 -15.21 11.91
CA LEU C 129 29.94 -14.21 12.05
C LEU C 129 31.31 -14.88 12.01
N GLU C 130 32.17 -14.41 11.11
CA GLU C 130 33.47 -15.03 10.88
C GLU C 130 34.66 -14.09 11.04
N LYS C 131 35.74 -14.60 11.63
CA LYS C 131 36.99 -13.86 11.72
C LYS C 131 37.66 -13.81 10.35
N GLY C 132 38.23 -12.65 10.02
CA GLY C 132 38.86 -12.43 8.72
C GLY C 132 39.90 -13.47 8.33
N SER C 133 40.75 -13.82 9.29
CA SER C 133 41.80 -14.82 9.10
C SER C 133 41.24 -16.19 8.71
N ASP C 134 40.07 -16.55 9.26
CA ASP C 134 39.41 -17.81 8.95
C ASP C 134 38.81 -17.79 7.54
N LEU C 135 38.22 -16.65 7.16
CA LEU C 135 37.67 -16.46 5.82
C LEU C 135 38.76 -16.45 4.76
N LYS C 136 39.89 -15.80 5.09
CA LYS C 136 41.06 -15.76 4.20
C LYS C 136 41.59 -17.16 3.92
N ALA C 137 41.51 -18.04 4.92
CA ALA C 137 41.92 -19.43 4.79
C ALA C 137 41.08 -20.20 3.76
N ARG C 138 39.81 -19.81 3.61
CA ARG C 138 38.88 -20.50 2.71
C ARG C 138 38.81 -19.87 1.31
N GLU C 139 39.74 -18.96 1.03
CA GLU C 139 39.77 -18.20 -0.23
C GLU C 139 38.47 -17.40 -0.46
N VAL C 140 38.03 -16.72 0.60
CA VAL C 140 36.82 -15.89 0.56
C VAL C 140 37.19 -14.42 0.76
N LYS C 141 36.88 -13.60 -0.25
CA LYS C 141 37.24 -12.19 -0.24
C LYS C 141 36.09 -11.25 0.12
N GLU C 142 34.91 -11.49 -0.48
CA GLU C 142 33.74 -10.65 -0.24
C GLU C 142 32.75 -11.24 0.77
N SER C 143 32.34 -10.41 1.71
CA SER C 143 31.32 -10.79 2.70
C SER C 143 30.10 -9.88 2.56
N LEU C 144 29.11 -10.09 3.43
CA LEU C 144 27.92 -9.24 3.46
C LEU C 144 28.19 -7.91 4.16
N GLY C 145 29.31 -7.82 4.88
CA GLY C 145 29.71 -6.58 5.54
C GLY C 145 30.47 -6.81 6.84
N MET C 146 31.28 -5.83 7.22
CA MET C 146 32.05 -5.90 8.46
C MET C 146 31.19 -5.56 9.66
N VAL C 147 31.27 -6.39 10.69
CA VAL C 147 30.60 -6.15 11.97
C VAL C 147 31.30 -5.02 12.73
N VAL C 148 30.56 -3.94 12.94
CA VAL C 148 31.09 -2.75 13.62
C VAL C 148 30.82 -2.83 15.13
N LEU C 149 29.59 -3.15 15.49
CA LEU C 149 29.22 -3.27 16.90
C LEU C 149 28.14 -4.33 17.11
N VAL C 150 28.26 -5.07 18.20
CA VAL C 150 27.23 -6.01 18.62
C VAL C 150 26.45 -5.35 19.76
N VAL C 151 25.11 -5.36 19.65
CA VAL C 151 24.26 -4.71 20.64
C VAL C 151 23.46 -5.74 21.42
N ARG C 152 23.54 -5.67 22.75
CA ARG C 152 22.83 -6.60 23.62
C ARG C 152 21.68 -5.88 24.32
N PRO C 153 20.54 -6.59 24.52
CA PRO C 153 19.30 -6.01 25.03
C PRO C 153 19.38 -5.60 26.52
N PRO C 154 18.48 -4.69 26.95
CA PRO C 154 18.40 -4.31 28.36
C PRO C 154 17.82 -5.44 29.20
N ARG C 155 18.30 -5.57 30.44
CA ARG C 155 17.82 -6.61 31.35
C ARG C 155 17.80 -6.13 32.80
N GLU C 156 17.30 -7.00 33.69
CA GLU C 156 17.26 -6.71 35.11
C GLU C 156 18.38 -7.43 35.85
N ARG D 7 -20.68 -35.17 -15.97
CA ARG D 7 -20.57 -34.04 -16.94
C ARG D 7 -21.31 -32.80 -16.44
N ILE D 8 -20.66 -31.65 -16.57
CA ILE D 8 -21.21 -30.35 -16.16
C ILE D 8 -20.98 -29.32 -17.27
N PRO D 9 -21.82 -28.25 -17.33
CA PRO D 9 -21.70 -27.23 -18.38
C PRO D 9 -20.27 -26.70 -18.59
N VAL D 10 -19.68 -27.09 -19.72
CA VAL D 10 -18.33 -26.66 -20.10
C VAL D 10 -18.41 -25.80 -21.36
N VAL D 11 -17.90 -24.58 -21.26
CA VAL D 11 -17.93 -23.64 -22.39
C VAL D 11 -16.52 -23.13 -22.70
N ARG D 12 -16.24 -23.01 -23.99
CA ARG D 12 -14.97 -22.46 -24.48
C ARG D 12 -15.13 -20.98 -24.79
N LEU D 13 -14.32 -20.15 -24.14
CA LEU D 13 -14.31 -18.71 -24.39
C LEU D 13 -13.72 -18.42 -25.77
N LYS D 14 -14.48 -17.74 -26.61
CA LYS D 14 -14.00 -17.38 -27.95
C LYS D 14 -13.08 -16.16 -27.90
N PHE D 15 -12.16 -16.07 -28.85
CA PHE D 15 -11.26 -14.92 -28.97
C PHE D 15 -12.04 -13.67 -29.39
N GLY D 16 -12.16 -12.73 -28.45
CA GLY D 16 -12.90 -11.49 -28.69
C GLY D 16 -14.39 -11.60 -28.37
N GLU D 17 -14.76 -12.64 -27.62
CA GLU D 17 -16.14 -12.81 -27.18
C GLU D 17 -16.46 -11.86 -26.03
N VAL D 18 -15.45 -11.60 -25.19
CA VAL D 18 -15.57 -10.64 -24.09
C VAL D 18 -15.83 -9.22 -24.60
N ALA D 19 -15.25 -8.89 -25.75
CA ALA D 19 -15.48 -7.60 -26.41
C ALA D 19 -16.83 -7.55 -27.12
N GLU D 20 -17.26 -8.69 -27.66
CA GLU D 20 -18.53 -8.79 -28.40
C GLU D 20 -19.75 -8.97 -27.51
N ALA D 21 -19.55 -9.05 -26.20
CA ALA D 21 -20.64 -9.27 -25.25
C ALA D 21 -21.51 -8.03 -25.05
N THR D 22 -22.80 -8.24 -24.85
CA THR D 22 -23.76 -7.17 -24.59
C THR D 22 -23.89 -6.93 -23.08
N SER D 23 -24.19 -8.00 -22.35
CA SER D 23 -24.25 -7.97 -20.89
C SER D 23 -23.07 -8.76 -20.31
N VAL D 24 -22.55 -8.28 -19.18
CA VAL D 24 -21.33 -8.85 -18.59
C VAL D 24 -21.44 -9.06 -17.08
N VAL D 25 -20.79 -10.11 -16.59
CA VAL D 25 -20.68 -10.39 -15.16
C VAL D 25 -19.21 -10.36 -14.70
N VAL D 26 -18.96 -9.65 -13.60
CA VAL D 26 -17.62 -9.57 -13.02
C VAL D 26 -17.55 -10.43 -11.77
N LEU D 27 -16.54 -11.30 -11.70
CA LEU D 27 -16.37 -12.21 -10.56
C LEU D 27 -14.94 -12.23 -10.04
N PRO D 28 -14.77 -12.29 -8.70
CA PRO D 28 -13.45 -12.36 -8.05
C PRO D 28 -12.69 -13.64 -8.41
N VAL D 29 -11.37 -13.55 -8.46
CA VAL D 29 -10.52 -14.64 -8.93
C VAL D 29 -9.55 -15.16 -7.87
N CYS D 30 -9.40 -16.48 -7.81
CA CYS D 30 -8.43 -17.14 -6.94
C CYS D 30 -7.57 -18.11 -7.75
N LYS D 31 -6.31 -18.27 -7.34
CA LYS D 31 -5.42 -19.26 -7.95
C LYS D 31 -5.51 -20.60 -7.22
N ALA D 32 -5.20 -21.69 -7.93
CA ALA D 32 -5.17 -23.02 -7.33
C ALA D 32 -4.05 -23.13 -6.31
N GLU D 33 -2.88 -22.60 -6.66
CA GLU D 33 -1.70 -22.61 -5.80
C GLU D 33 -1.93 -21.91 -4.45
N GLU D 34 -2.84 -20.94 -4.43
CA GLU D 34 -3.13 -20.17 -3.22
C GLU D 34 -4.08 -20.91 -2.27
N GLY D 35 -4.70 -21.99 -2.75
CA GLY D 35 -5.47 -22.90 -1.90
C GLY D 35 -6.84 -22.44 -1.47
N GLU D 36 -7.33 -22.99 -0.35
CA GLU D 36 -8.68 -22.75 0.14
C GLU D 36 -8.81 -21.43 0.90
N LYS D 37 -7.71 -21.02 1.55
CA LYS D 37 -7.69 -19.79 2.34
C LYS D 37 -8.15 -18.59 1.54
N LYS D 38 -7.78 -18.55 0.27
CA LYS D 38 -8.10 -17.42 -0.60
C LYS D 38 -9.54 -17.46 -1.10
N ILE D 39 -10.04 -18.67 -1.33
CA ILE D 39 -11.43 -18.89 -1.76
C ILE D 39 -12.43 -18.39 -0.71
N LEU D 40 -12.12 -18.60 0.56
CA LEU D 40 -12.97 -18.15 1.66
C LEU D 40 -12.84 -16.66 1.95
N GLU D 41 -11.65 -16.11 1.70
CA GLU D 41 -11.36 -14.69 1.94
C GLU D 41 -11.99 -13.74 0.91
N ALA D 42 -12.27 -14.27 -0.29
CA ALA D 42 -12.80 -13.50 -1.41
C ALA D 42 -14.19 -12.91 -1.12
N PRO D 43 -14.51 -11.75 -1.75
CA PRO D 43 -15.76 -11.05 -1.49
C PRO D 43 -17.00 -11.85 -1.90
N MET D 44 -18.08 -11.70 -1.14
CA MET D 44 -19.32 -12.42 -1.40
C MET D 44 -20.36 -11.55 -2.09
N GLU D 45 -20.67 -10.40 -1.50
CA GLU D 45 -21.66 -9.47 -2.04
C GLU D 45 -21.01 -8.52 -3.05
N ILE D 46 -21.28 -8.75 -4.33
CA ILE D 46 -20.65 -7.98 -5.40
C ILE D 46 -21.65 -7.17 -6.25
N ILE D 47 -22.61 -6.56 -5.56
CA ILE D 47 -23.71 -5.80 -6.17
C ILE D 47 -23.23 -4.86 -7.29
N ALA D 48 -23.93 -4.90 -8.41
CA ALA D 48 -23.68 -3.99 -9.53
C ALA D 48 -24.93 -3.16 -9.77
N GLY D 49 -24.79 -1.83 -9.69
CA GLY D 49 -25.93 -0.93 -9.82
C GLY D 49 -25.61 0.40 -10.47
N GLY D 50 -26.63 1.24 -10.59
CA GLY D 50 -26.50 2.57 -11.17
C GLY D 50 -26.58 2.54 -12.69
N ASP D 51 -26.47 3.72 -13.29
CA ASP D 51 -26.55 3.88 -14.75
C ASP D 51 -25.38 3.24 -15.49
N PHE D 52 -24.29 2.98 -14.78
CA PHE D 52 -23.05 2.52 -15.42
C PHE D 52 -22.69 1.06 -15.12
N LYS D 53 -23.60 0.36 -14.45
CA LYS D 53 -23.38 -1.02 -14.02
C LYS D 53 -22.10 -1.12 -13.20
N VAL D 54 -21.94 -0.17 -12.28
CA VAL D 54 -20.79 -0.12 -11.40
C VAL D 54 -20.90 -1.24 -10.37
N VAL D 55 -19.86 -2.06 -10.30
CA VAL D 55 -19.80 -3.17 -9.36
C VAL D 55 -19.16 -2.69 -8.06
N GLU D 56 -19.83 -2.96 -6.93
CA GLU D 56 -19.29 -2.68 -5.61
C GLU D 56 -19.29 -3.91 -4.71
N ALA D 57 -18.12 -4.23 -4.17
CA ALA D 57 -17.96 -5.40 -3.31
C ALA D 57 -17.79 -5.00 -1.83
N GLU D 58 -18.21 -5.88 -0.95
CA GLU D 58 -18.04 -5.70 0.51
C GLU D 58 -16.56 -5.64 0.91
N LYS D 59 -15.73 -6.38 0.17
CA LYS D 59 -14.30 -6.50 0.47
C LYS D 59 -13.43 -6.00 -0.67
N GLY D 60 -12.26 -5.47 -0.32
CA GLY D 60 -11.23 -5.18 -1.32
C GLY D 60 -10.66 -6.47 -1.85
N TRP D 61 -10.43 -6.54 -3.16
CA TRP D 61 -9.84 -7.72 -3.78
C TRP D 61 -8.97 -7.37 -4.97
N LYS D 62 -7.87 -8.11 -5.14
CA LYS D 62 -6.84 -7.78 -6.12
C LYS D 62 -7.07 -8.40 -7.50
N ARG D 63 -7.55 -9.64 -7.53
CA ARG D 63 -7.76 -10.36 -8.78
C ARG D 63 -9.23 -10.38 -9.17
N TRP D 64 -9.48 -10.19 -10.47
CA TRP D 64 -10.85 -10.15 -11.02
C TRP D 64 -10.84 -10.66 -12.45
N VAL D 65 -12.02 -11.07 -12.94
CA VAL D 65 -12.17 -11.50 -14.34
C VAL D 65 -13.52 -11.09 -14.93
N VAL D 66 -13.48 -10.71 -16.21
CA VAL D 66 -14.65 -10.31 -16.96
C VAL D 66 -15.22 -11.49 -17.74
N LEU D 67 -16.47 -11.82 -17.47
CA LEU D 67 -17.17 -12.89 -18.16
C LEU D 67 -18.48 -12.37 -18.75
N PRO D 68 -18.80 -12.81 -19.99
CA PRO D 68 -20.13 -12.61 -20.53
C PRO D 68 -21.19 -13.24 -19.62
N SER D 69 -22.38 -12.64 -19.57
CA SER D 69 -23.47 -13.13 -18.72
C SER D 69 -24.07 -14.43 -19.26
N TRP D 70 -23.40 -15.54 -18.97
CA TRP D 70 -23.90 -16.86 -19.35
C TRP D 70 -25.10 -17.25 -18.48
N ASN D 71 -25.98 -18.08 -19.04
CA ASN D 71 -27.24 -18.43 -18.39
C ASN D 71 -27.11 -18.95 -16.95
N PRO D 72 -26.25 -19.96 -16.71
CA PRO D 72 -26.11 -20.43 -15.33
C PRO D 72 -25.26 -19.52 -14.43
N VAL D 73 -24.38 -18.72 -15.04
CA VAL D 73 -23.46 -17.86 -14.30
C VAL D 73 -24.17 -16.65 -13.66
N ALA D 74 -24.94 -15.92 -14.46
CA ALA D 74 -25.65 -14.73 -13.99
C ALA D 74 -26.71 -15.04 -12.93
N ALA D 75 -27.14 -16.29 -12.88
CA ALA D 75 -28.20 -16.74 -11.97
C ALA D 75 -27.75 -16.85 -10.51
N ILE D 76 -26.44 -16.96 -10.28
CA ILE D 76 -25.91 -17.12 -8.92
C ILE D 76 -26.19 -15.89 -8.05
N GLY D 77 -25.86 -14.70 -8.57
CA GLY D 77 -25.92 -13.48 -7.80
C GLY D 77 -24.74 -13.39 -6.85
N LYS D 78 -25.03 -13.31 -5.56
CA LYS D 78 -24.00 -13.25 -4.52
C LYS D 78 -23.36 -14.61 -4.29
N GLY D 79 -22.10 -14.61 -3.85
CA GLY D 79 -21.38 -15.83 -3.52
C GLY D 79 -20.60 -16.44 -4.67
N GLY D 80 -20.61 -15.75 -5.82
CA GLY D 80 -19.91 -16.21 -7.00
C GLY D 80 -18.39 -16.08 -6.89
N VAL D 81 -17.68 -17.05 -7.45
CA VAL D 81 -16.22 -17.05 -7.45
C VAL D 81 -15.68 -17.79 -8.69
N ALA D 82 -14.49 -17.37 -9.14
CA ALA D 82 -13.76 -18.08 -10.20
C ALA D 82 -12.39 -18.53 -9.68
N VAL D 83 -12.00 -19.76 -10.02
CA VAL D 83 -10.71 -20.29 -9.59
C VAL D 83 -9.81 -20.63 -10.78
N SER D 84 -8.61 -20.05 -10.79
CA SER D 84 -7.62 -20.29 -11.86
C SER D 84 -6.97 -21.65 -11.71
N PHE D 85 -6.70 -22.28 -12.84
CA PHE D 85 -5.97 -23.55 -12.89
C PHE D 85 -5.02 -23.56 -14.08
N ARG D 86 -3.74 -23.82 -13.81
CA ARG D 86 -2.72 -23.90 -14.87
C ARG D 86 -2.89 -25.18 -15.69
N ASP D 87 -3.30 -26.26 -15.03
CA ASP D 87 -3.58 -27.54 -15.69
C ASP D 87 -4.97 -28.07 -15.38
N ASP D 88 -5.47 -28.91 -16.27
CA ASP D 88 -6.82 -29.48 -16.16
C ASP D 88 -6.80 -30.98 -15.86
N ARG D 89 -5.61 -31.53 -15.69
CA ARG D 89 -5.44 -32.94 -15.38
C ARG D 89 -5.91 -33.29 -13.97
N LYS D 90 -5.36 -32.58 -12.98
CA LYS D 90 -5.55 -32.91 -11.57
C LYS D 90 -6.85 -32.36 -10.97
N VAL D 91 -7.55 -31.53 -11.73
CA VAL D 91 -8.75 -30.86 -11.24
C VAL D 91 -10.02 -31.55 -11.76
N LEU D 92 -10.06 -31.80 -13.06
CA LEU D 92 -11.18 -32.51 -13.70
C LEU D 92 -11.15 -33.98 -13.33
N PRO D 93 -12.34 -34.62 -13.26
CA PRO D 93 -12.38 -36.05 -12.94
C PRO D 93 -11.75 -36.96 -14.01
N TRP D 94 -11.56 -36.43 -15.23
CA TRP D 94 -11.15 -37.25 -16.37
C TRP D 94 -10.37 -36.47 -17.44
N ASP D 95 -10.96 -36.43 -18.65
CA ASP D 95 -10.40 -35.80 -19.85
C ASP D 95 -9.81 -34.39 -19.66
N GLY D 96 -8.49 -34.30 -19.83
CA GLY D 96 -7.79 -33.03 -19.82
C GLY D 96 -7.00 -32.84 -21.10
N LYS D 97 -7.24 -31.73 -21.79
CA LYS D 97 -6.56 -31.43 -23.06
C LYS D 97 -5.25 -30.64 -22.85
N GLU D 98 -4.78 -30.63 -21.60
CA GLU D 98 -3.57 -29.90 -21.17
C GLU D 98 -3.65 -28.40 -21.45
N GLU D 99 -4.54 -27.72 -20.71
CA GLU D 99 -4.79 -26.29 -20.89
C GLU D 99 -5.24 -25.60 -19.60
N PRO D 100 -5.00 -24.27 -19.49
CA PRO D 100 -5.51 -23.49 -18.37
C PRO D 100 -7.03 -23.55 -18.24
N LEU D 101 -7.55 -23.36 -17.03
CA LEU D 101 -8.97 -23.54 -16.78
C LEU D 101 -9.51 -22.59 -15.71
N LEU D 102 -10.73 -22.09 -15.94
CA LEU D 102 -11.45 -21.29 -14.96
C LEU D 102 -12.70 -22.02 -14.50
N VAL D 103 -12.86 -22.15 -13.19
CA VAL D 103 -14.00 -22.84 -12.61
C VAL D 103 -14.86 -21.88 -11.78
N VAL D 104 -16.09 -21.67 -12.25
CA VAL D 104 -17.04 -20.80 -11.57
C VAL D 104 -17.82 -21.59 -10.51
N ALA D 105 -17.80 -21.10 -9.27
CA ALA D 105 -18.47 -21.77 -8.16
C ALA D 105 -19.43 -20.86 -7.40
N ASP D 106 -20.49 -21.47 -6.86
CA ASP D 106 -21.52 -20.77 -6.10
C ASP D 106 -21.39 -21.13 -4.62
N ARG D 107 -20.62 -20.33 -3.90
CA ARG D 107 -20.29 -20.57 -2.49
C ARG D 107 -21.48 -20.46 -1.53
N VAL D 108 -22.60 -19.94 -2.04
CA VAL D 108 -23.84 -19.85 -1.27
C VAL D 108 -24.39 -21.24 -1.01
N ARG D 109 -24.45 -22.04 -2.07
CA ARG D 109 -24.82 -23.45 -1.96
C ARG D 109 -23.56 -24.32 -1.94
N ASN D 110 -22.83 -24.20 -0.84
CA ASN D 110 -21.63 -25.00 -0.63
C ASN D 110 -21.97 -26.36 -0.03
N VAL D 111 -23.16 -26.45 0.59
CA VAL D 111 -23.66 -27.69 1.18
C VAL D 111 -24.02 -28.69 0.08
N VAL D 112 -23.57 -29.93 0.26
CA VAL D 112 -23.80 -30.99 -0.73
C VAL D 112 -25.20 -31.56 -0.61
N GLU D 113 -25.93 -31.57 -1.72
CA GLU D 113 -27.25 -32.19 -1.81
C GLU D 113 -27.58 -32.64 -3.24
N ALA D 114 -26.87 -32.09 -4.22
CA ALA D 114 -27.04 -32.47 -5.62
C ALA D 114 -26.21 -33.71 -5.96
N ASP D 115 -26.84 -34.67 -6.63
CA ASP D 115 -26.24 -35.99 -6.90
C ASP D 115 -25.25 -35.99 -8.06
N ASP D 116 -25.64 -35.39 -9.18
CA ASP D 116 -24.77 -35.26 -10.36
C ASP D 116 -23.96 -33.97 -10.35
N GLY D 117 -24.35 -33.05 -9.46
CA GLY D 117 -23.60 -31.81 -9.28
C GLY D 117 -22.19 -32.08 -8.80
N TYR D 118 -21.23 -31.33 -9.34
CA TYR D 118 -19.84 -31.43 -8.93
C TYR D 118 -19.46 -30.26 -8.02
N TYR D 119 -18.69 -30.57 -6.99
CA TYR D 119 -18.37 -29.61 -5.93
C TYR D 119 -16.86 -29.40 -5.73
N LEU D 120 -16.49 -28.15 -5.48
CA LEU D 120 -15.11 -27.78 -5.19
C LEU D 120 -14.78 -28.12 -3.74
N VAL D 121 -13.77 -28.96 -3.55
CA VAL D 121 -13.39 -29.43 -2.21
C VAL D 121 -11.89 -29.43 -1.96
N VAL D 122 -11.53 -29.34 -0.68
CA VAL D 122 -10.15 -29.36 -0.23
C VAL D 122 -9.52 -30.72 -0.52
N ALA D 123 -8.55 -30.74 -1.42
CA ALA D 123 -7.83 -31.96 -1.77
C ALA D 123 -6.61 -32.16 -0.88
N GLU D 124 -6.23 -33.42 -0.68
CA GLU D 124 -5.06 -33.79 0.12
C GLU D 124 -3.79 -33.06 -0.32
N ASN D 125 -3.79 -32.62 -1.57
CA ASN D 125 -2.68 -31.85 -2.14
C ASN D 125 -3.01 -30.36 -2.28
N GLY D 126 -4.19 -30.05 -2.80
CA GLY D 126 -4.61 -28.67 -3.02
C GLY D 126 -6.10 -28.53 -3.23
N LEU D 127 -6.52 -28.56 -4.50
CA LEU D 127 -7.92 -28.39 -4.87
C LEU D 127 -8.39 -29.39 -5.92
N LYS D 128 -9.52 -30.03 -5.65
CA LYS D 128 -10.09 -31.03 -6.55
C LYS D 128 -11.60 -30.88 -6.69
N LEU D 129 -12.14 -31.46 -7.76
CA LEU D 129 -13.58 -31.50 -8.00
C LEU D 129 -14.10 -32.92 -7.78
N GLU D 130 -15.24 -33.03 -7.12
CA GLU D 130 -15.85 -34.33 -6.80
C GLU D 130 -17.35 -34.33 -7.05
N LYS D 131 -17.88 -35.51 -7.34
CA LYS D 131 -19.31 -35.73 -7.51
C LYS D 131 -20.01 -35.70 -6.15
N GLY D 132 -21.21 -35.14 -6.11
CA GLY D 132 -21.98 -35.01 -4.88
C GLY D 132 -22.25 -36.33 -4.19
N SER D 133 -22.69 -37.31 -4.98
CA SER D 133 -22.96 -38.66 -4.47
C SER D 133 -21.73 -39.31 -3.84
N ASP D 134 -20.55 -39.02 -4.38
CA ASP D 134 -19.28 -39.53 -3.82
C ASP D 134 -18.96 -38.94 -2.46
N LEU D 135 -19.27 -37.65 -2.30
CA LEU D 135 -19.07 -36.94 -1.03
C LEU D 135 -20.02 -37.47 0.05
N LYS D 136 -21.27 -37.74 -0.36
CA LYS D 136 -22.26 -38.33 0.53
C LYS D 136 -21.81 -39.71 1.02
N ALA D 137 -21.13 -40.44 0.14
CA ALA D 137 -20.51 -41.72 0.49
C ALA D 137 -19.34 -41.53 1.46
N ARG D 138 -18.58 -40.46 1.27
CA ARG D 138 -17.42 -40.16 2.11
C ARG D 138 -17.78 -39.39 3.38
N GLU D 139 -19.08 -39.27 3.65
CA GLU D 139 -19.61 -38.57 4.83
C GLU D 139 -19.11 -37.12 4.94
N VAL D 140 -19.14 -36.41 3.80
CA VAL D 140 -18.73 -35.01 3.74
C VAL D 140 -19.95 -34.14 3.39
N LYS D 141 -20.25 -33.18 4.26
CA LYS D 141 -21.44 -32.33 4.11
C LYS D 141 -21.16 -30.98 3.45
N GLU D 142 -20.05 -30.35 3.82
CA GLU D 142 -19.66 -29.05 3.27
C GLU D 142 -18.55 -29.14 2.23
N SER D 143 -18.78 -28.44 1.11
CA SER D 143 -17.75 -28.21 0.12
C SER D 143 -17.35 -26.73 0.19
N LEU D 144 -16.49 -26.30 -0.73
CA LEU D 144 -16.10 -24.89 -0.81
C LEU D 144 -17.01 -24.11 -1.75
N GLY D 145 -17.80 -24.83 -2.54
CA GLY D 145 -18.78 -24.23 -3.45
C GLY D 145 -19.20 -25.14 -4.59
N MET D 146 -20.47 -25.03 -5.00
CA MET D 146 -21.01 -25.81 -6.11
C MET D 146 -20.52 -25.27 -7.45
N VAL D 147 -19.95 -26.15 -8.27
CA VAL D 147 -19.44 -25.77 -9.59
C VAL D 147 -20.59 -25.49 -10.57
N VAL D 148 -20.69 -24.23 -10.98
CA VAL D 148 -21.76 -23.79 -11.87
C VAL D 148 -21.31 -23.90 -13.33
N LEU D 149 -20.09 -23.46 -13.62
CA LEU D 149 -19.57 -23.46 -14.99
C LEU D 149 -18.06 -23.67 -15.07
N VAL D 150 -17.65 -24.40 -16.10
CA VAL D 150 -16.24 -24.60 -16.42
C VAL D 150 -15.90 -23.81 -17.69
N VAL D 151 -14.84 -23.02 -17.62
CA VAL D 151 -14.43 -22.16 -18.72
C VAL D 151 -13.09 -22.62 -19.31
N ARG D 152 -13.05 -22.74 -20.63
CA ARG D 152 -11.85 -23.15 -21.37
C ARG D 152 -11.40 -22.03 -22.31
N PRO D 153 -10.07 -21.89 -22.52
CA PRO D 153 -9.47 -20.80 -23.31
C PRO D 153 -9.71 -20.91 -24.81
N PRO D 154 -9.52 -19.80 -25.56
CA PRO D 154 -9.73 -19.77 -27.02
C PRO D 154 -8.80 -20.72 -27.78
P PO4 E . 6.91 24.34 2.42
O1 PO4 E . 7.36 22.91 2.68
O2 PO4 E . 7.19 25.19 3.63
O3 PO4 E . 5.43 24.35 2.13
O4 PO4 E . 7.66 24.88 1.24
P PO4 F . -21.40 14.22 -6.56
O1 PO4 F . -21.01 12.77 -6.58
O2 PO4 F . -22.49 14.44 -5.55
O3 PO4 F . -21.90 14.61 -7.93
O4 PO4 F . -20.21 15.07 -6.20
P PO4 G . -2.30 -25.37 -10.67
O1 PO4 G . -1.65 -25.02 -9.35
O2 PO4 G . -1.25 -25.90 -11.62
O3 PO4 G . -3.36 -26.43 -10.45
O4 PO4 G . -2.94 -24.13 -11.25
#